data_2E09
#
_entry.id   2E09
#
_cell.length_a   72.500
_cell.length_b   77.217
_cell.length_c   164.370
_cell.angle_alpha   90.00
_cell.angle_beta   90.00
_cell.angle_gamma   90.00
#
_symmetry.space_group_name_H-M   'C 2 2 21'
#
loop_
_entity.id
_entity.type
_entity.pdbx_description
1 polymer 'Tryptophan synthase alpha chain'
2 water water
#
_entity_poly.entity_id   1
_entity_poly.type   'polypeptide(L)'
_entity_poly.pdbx_seq_one_letter_code
;MFKDGSLIPYLTAGDPDKQSTLNFLLALDEYAGAIELGIPFSDPIADGKTIQESHYRALKNGFKLREAFWIVKAFRRHSS
TPIVLMTYYNPIYRAGVRNFLAEAKASGVDGILVVDLPVFHAKEFTEIAREEGIKTVFLAAPNTPDERLKVIDDMTTGFV
YLVSLYGTTGAREEIPKTAYDLLRRAKRICRNKVAVGFGVSKREHVVSLLKEGANGVVVGSALVKIIGEKGREATEFLKK
KVEELLGI
;
_entity_poly.pdbx_strand_id   A,B
#
# COMPACT_ATOMS: atom_id res chain seq x y z
N MET A 1 4.09 3.13 -1.48
CA MET A 1 4.34 4.20 -2.48
C MET A 1 5.19 3.68 -3.63
N PHE A 2 5.77 2.50 -3.43
CA PHE A 2 6.65 1.91 -4.43
C PHE A 2 6.27 0.47 -4.74
N LYS A 3 6.78 -0.06 -5.85
CA LYS A 3 6.50 -1.44 -6.23
C LYS A 3 7.17 -2.36 -5.20
N ASP A 4 6.62 -3.55 -5.06
CA ASP A 4 7.21 -4.54 -4.16
C ASP A 4 8.56 -4.89 -4.79
N GLY A 5 9.58 -5.10 -3.96
CA GLY A 5 10.89 -5.44 -4.45
C GLY A 5 11.73 -4.25 -4.89
N SER A 6 11.29 -3.05 -4.52
CA SER A 6 12.00 -1.82 -4.87
C SER A 6 13.26 -1.57 -4.06
N LEU A 7 14.28 -1.03 -4.71
CA LEU A 7 15.49 -0.64 -4.03
C LEU A 7 15.25 0.88 -3.85
N ILE A 8 15.38 1.37 -2.64
CA ILE A 8 15.13 2.79 -2.38
C ILE A 8 16.38 3.52 -1.91
N PRO A 9 17.02 4.29 -2.81
CA PRO A 9 18.24 5.02 -2.45
C PRO A 9 17.98 6.17 -1.48
N TYR A 10 18.87 6.35 -0.53
CA TYR A 10 18.76 7.46 0.41
C TYR A 10 19.99 8.34 0.18
N LEU A 11 19.78 9.65 0.05
CA LEU A 11 20.89 10.58 -0.12
C LEU A 11 20.63 11.81 0.73
N THR A 12 21.71 12.44 1.19
CA THR A 12 21.59 13.64 1.99
C THR A 12 21.68 14.83 1.04
N ALA A 13 20.76 15.77 1.18
CA ALA A 13 20.74 16.95 0.34
C ALA A 13 21.94 17.85 0.63
N GLY A 14 22.70 18.20 -0.41
CA GLY A 14 23.85 19.06 -0.23
C GLY A 14 25.13 18.36 0.21
N ASP A 15 25.21 17.06 -0.09
CA ASP A 15 26.39 16.27 0.25
C ASP A 15 27.08 15.72 -1.00
N PRO A 16 28.17 16.38 -1.46
CA PRO A 16 28.85 17.58 -0.94
C PRO A 16 28.21 18.93 -1.33
N ASP A 17 27.30 18.91 -2.30
CA ASP A 17 26.60 20.12 -2.73
C ASP A 17 25.33 19.74 -3.47
N LYS A 18 24.41 20.69 -3.60
CA LYS A 18 23.14 20.39 -4.27
C LYS A 18 23.26 19.88 -5.70
N GLN A 19 24.23 20.36 -6.47
CA GLN A 19 24.37 19.90 -7.85
C GLN A 19 24.82 18.43 -7.84
N SER A 20 25.69 18.08 -6.92
CA SER A 20 26.16 16.71 -6.80
C SER A 20 24.99 15.80 -6.44
N THR A 21 24.21 16.22 -5.44
CA THR A 21 23.05 15.44 -5.03
C THR A 21 22.18 15.13 -6.24
N LEU A 22 21.88 16.19 -7.01
CA LEU A 22 21.06 16.06 -8.22
C LEU A 22 21.70 15.06 -9.19
N ASN A 23 23.02 15.18 -9.39
CA ASN A 23 23.73 14.28 -10.29
C ASN A 23 23.56 12.83 -9.85
N PHE A 24 23.68 12.57 -8.55
CA PHE A 24 23.55 11.23 -8.00
C PHE A 24 22.14 10.68 -8.20
N LEU A 25 21.15 11.51 -7.90
CA LEU A 25 19.75 11.12 -8.05
C LEU A 25 19.45 10.71 -9.50
N LEU A 26 19.91 11.51 -10.45
CA LEU A 26 19.67 11.24 -11.86
C LEU A 26 20.35 9.96 -12.32
N ALA A 27 21.53 9.67 -11.77
CA ALA A 27 22.27 8.47 -12.13
C ALA A 27 21.72 7.20 -11.48
N LEU A 28 20.97 7.34 -10.40
CA LEU A 28 20.43 6.17 -9.73
C LEU A 28 18.95 5.91 -10.01
N ASP A 29 18.28 6.90 -10.59
CA ASP A 29 16.87 6.79 -10.88
C ASP A 29 16.47 5.47 -11.56
N GLU A 30 17.23 5.07 -12.57
CA GLU A 30 16.91 3.87 -13.32
C GLU A 30 16.78 2.59 -12.47
N TYR A 31 17.34 2.59 -11.27
CA TYR A 31 17.27 1.42 -10.40
C TYR A 31 16.35 1.63 -9.19
N ALA A 32 15.82 2.83 -9.06
CA ALA A 32 14.99 3.16 -7.89
C ALA A 32 13.50 2.92 -8.03
N GLY A 33 12.91 2.42 -6.94
CA GLY A 33 11.49 2.20 -6.91
C GLY A 33 10.92 3.45 -6.28
N ALA A 34 11.79 4.15 -5.54
CA ALA A 34 11.46 5.40 -4.86
C ALA A 34 12.76 5.93 -4.29
N ILE A 35 12.78 7.22 -3.94
CA ILE A 35 13.99 7.83 -3.40
C ILE A 35 13.76 8.62 -2.11
N GLU A 36 14.69 8.50 -1.17
CA GLU A 36 14.62 9.24 0.09
C GLU A 36 15.66 10.34 0.03
N LEU A 37 15.22 11.57 0.27
CA LEU A 37 16.12 12.71 0.27
C LEU A 37 16.12 13.29 1.67
N GLY A 38 17.25 13.18 2.35
CA GLY A 38 17.36 13.69 3.70
C GLY A 38 17.84 15.14 3.80
N ILE A 39 17.21 15.87 4.70
CA ILE A 39 17.57 17.25 4.94
C ILE A 39 18.57 17.22 6.08
N PRO A 40 19.80 17.73 5.85
CA PRO A 40 20.78 17.72 6.92
C PRO A 40 20.38 18.59 8.11
N PHE A 41 20.68 18.11 9.30
CA PHE A 41 20.35 18.80 10.55
C PHE A 41 21.54 18.78 11.52
N SER A 42 21.68 19.85 12.28
CA SER A 42 22.79 19.98 13.23
C SER A 42 22.92 18.81 14.22
N ASP A 43 21.80 18.23 14.62
CA ASP A 43 21.84 17.13 15.59
C ASP A 43 21.04 15.90 15.13
N PRO A 44 21.52 15.19 14.12
CA PRO A 44 20.84 13.99 13.61
C PRO A 44 21.08 12.80 14.51
N ILE A 45 20.66 12.93 15.77
CA ILE A 45 20.86 11.88 16.76
C ILE A 45 20.19 10.54 16.50
N ALA A 46 19.25 10.50 15.57
CA ALA A 46 18.55 9.24 15.28
C ALA A 46 19.28 8.46 14.20
N ASP A 47 20.25 9.08 13.54
CA ASP A 47 20.97 8.41 12.48
C ASP A 47 22.25 7.74 12.92
N GLY A 48 22.70 6.79 12.11
CA GLY A 48 23.93 6.08 12.40
C GLY A 48 25.15 6.91 12.04
N LYS A 49 26.31 6.45 12.49
CA LYS A 49 27.59 7.13 12.27
C LYS A 49 27.82 7.67 10.85
N THR A 50 27.64 6.82 9.85
CA THR A 50 27.84 7.22 8.46
C THR A 50 26.96 8.37 8.01
N ILE A 51 25.65 8.19 8.10
CA ILE A 51 24.74 9.23 7.67
C ILE A 51 24.90 10.51 8.47
N GLN A 52 25.22 10.39 9.77
CA GLN A 52 25.41 11.58 10.59
C GLN A 52 26.50 12.42 9.98
N GLU A 53 27.60 11.77 9.61
CA GLU A 53 28.73 12.46 9.00
C GLU A 53 28.37 13.21 7.72
N SER A 54 27.37 12.72 6.98
CA SER A 54 26.95 13.38 5.74
C SER A 54 26.18 14.65 6.09
N HIS A 55 25.44 14.63 7.19
CA HIS A 55 24.68 15.80 7.62
C HIS A 55 25.70 16.90 7.95
N TYR A 56 26.77 16.51 8.64
CA TYR A 56 27.83 17.44 9.02
C TYR A 56 28.48 18.04 7.77
N ARG A 57 28.80 17.17 6.80
CA ARG A 57 29.41 17.63 5.56
C ARG A 57 28.53 18.64 4.86
N ALA A 58 27.29 18.23 4.57
CA ALA A 58 26.34 19.10 3.87
C ALA A 58 26.27 20.46 4.51
N LEU A 59 26.14 20.48 5.84
CA LEU A 59 26.05 21.72 6.59
C LEU A 59 27.32 22.56 6.55
N LYS A 60 28.48 21.93 6.72
CA LYS A 60 29.72 22.67 6.66
C LYS A 60 29.82 23.35 5.31
N ASN A 61 29.38 22.66 4.27
CA ASN A 61 29.41 23.18 2.92
C ASN A 61 28.31 24.21 2.65
N GLY A 62 27.61 24.61 3.71
CA GLY A 62 26.58 25.64 3.58
C GLY A 62 25.18 25.29 3.11
N PHE A 63 24.71 24.08 3.37
CA PHE A 63 23.37 23.70 2.94
C PHE A 63 22.28 24.59 3.55
N LYS A 64 21.30 24.95 2.73
CA LYS A 64 20.20 25.78 3.19
C LYS A 64 18.92 24.99 2.95
N LEU A 65 18.07 24.94 3.96
CA LEU A 65 16.82 24.21 3.90
C LEU A 65 16.16 24.09 2.52
N ARG A 66 15.81 25.21 1.92
CA ARG A 66 15.14 25.17 0.62
C ARG A 66 15.95 24.71 -0.58
N GLU A 67 17.26 24.48 -0.42
CA GLU A 67 18.05 23.99 -1.54
C GLU A 67 17.56 22.57 -1.83
N ALA A 68 16.85 22.00 -0.86
CA ALA A 68 16.29 20.65 -1.00
C ALA A 68 15.18 20.66 -2.05
N PHE A 69 14.37 21.72 -2.03
CA PHE A 69 13.28 21.86 -3.00
C PHE A 69 13.86 22.15 -4.38
N TRP A 70 15.00 22.82 -4.42
CA TRP A 70 15.66 23.13 -5.67
C TRP A 70 16.05 21.81 -6.32
N ILE A 71 16.55 20.89 -5.51
CA ILE A 71 16.98 19.58 -5.98
C ILE A 71 15.80 18.74 -6.46
N VAL A 72 14.74 18.72 -5.67
CA VAL A 72 13.55 17.95 -6.03
C VAL A 72 12.95 18.53 -7.31
N LYS A 73 12.81 19.84 -7.35
CA LYS A 73 12.24 20.53 -8.50
C LYS A 73 13.01 20.24 -9.79
N ALA A 74 14.34 20.23 -9.69
CA ALA A 74 15.16 19.95 -10.87
C ALA A 74 15.02 18.49 -11.28
N PHE A 75 15.04 17.59 -10.29
CA PHE A 75 14.92 16.16 -10.52
C PHE A 75 13.60 15.82 -11.22
N ARG A 76 12.52 16.49 -10.80
CA ARG A 76 11.19 16.27 -11.36
C ARG A 76 11.07 16.53 -12.84
N ARG A 77 11.94 17.37 -13.39
CA ARG A 77 11.90 17.66 -14.82
C ARG A 77 12.38 16.46 -15.64
N HIS A 78 13.01 15.49 -14.97
CA HIS A 78 13.52 14.31 -15.65
C HIS A 78 12.86 13.02 -15.21
N SER A 79 12.32 13.01 -14.00
CA SER A 79 11.71 11.80 -13.48
C SER A 79 10.47 12.00 -12.61
N SER A 80 9.65 10.95 -12.53
CA SER A 80 8.43 10.96 -11.75
C SER A 80 8.53 9.93 -10.61
N THR A 81 9.74 9.44 -10.35
CA THR A 81 9.98 8.47 -9.29
C THR A 81 9.53 9.09 -7.96
N PRO A 82 8.72 8.36 -7.18
CA PRO A 82 8.24 8.89 -5.91
C PRO A 82 9.38 9.41 -5.02
N ILE A 83 9.18 10.58 -4.44
CA ILE A 83 10.19 11.17 -3.57
C ILE A 83 9.68 11.42 -2.17
N VAL A 84 10.46 10.97 -1.19
CA VAL A 84 10.10 11.17 0.20
C VAL A 84 11.18 12.01 0.87
N LEU A 85 10.79 13.18 1.34
CA LEU A 85 11.72 14.08 2.01
C LEU A 85 11.85 13.57 3.45
N MET A 86 13.09 13.39 3.91
CA MET A 86 13.36 12.92 5.25
C MET A 86 13.97 14.06 6.04
N THR A 87 13.42 14.35 7.22
CA THR A 87 13.92 15.47 8.01
C THR A 87 13.58 15.41 9.49
N TYR A 88 14.29 16.21 10.28
CA TYR A 88 14.01 16.30 11.70
C TYR A 88 12.95 17.39 11.80
N TYR A 89 12.24 17.43 12.93
CA TYR A 89 11.14 18.39 13.10
C TYR A 89 11.53 19.86 13.20
N ASN A 90 12.67 20.15 13.81
CA ASN A 90 13.10 21.53 13.98
C ASN A 90 12.93 22.42 12.74
N PRO A 91 13.56 22.04 11.61
CA PRO A 91 13.45 22.84 10.38
C PRO A 91 11.99 23.11 9.99
N ILE A 92 11.18 22.05 9.95
CA ILE A 92 9.76 22.17 9.60
C ILE A 92 9.05 23.08 10.58
N TYR A 93 9.28 22.85 11.86
CA TYR A 93 8.66 23.61 12.92
C TYR A 93 8.89 25.11 12.81
N ARG A 94 10.15 25.50 12.63
CA ARG A 94 10.49 26.92 12.54
C ARG A 94 9.96 27.61 11.28
N ALA A 95 9.97 26.92 10.14
CA ALA A 95 9.49 27.50 8.90
C ALA A 95 7.97 27.50 8.79
N GLY A 96 7.30 26.78 9.69
CA GLY A 96 5.84 26.71 9.63
C GLY A 96 5.44 25.43 8.93
N VAL A 97 4.73 24.55 9.65
CA VAL A 97 4.31 23.27 9.10
C VAL A 97 3.64 23.36 7.72
N ARG A 98 2.39 23.83 7.68
CA ARG A 98 1.66 23.93 6.42
C ARG A 98 2.44 24.63 5.31
N ASN A 99 3.16 25.69 5.65
CA ASN A 99 3.95 26.42 4.66
C ASN A 99 4.99 25.51 4.05
N PHE A 100 5.63 24.72 4.90
CA PHE A 100 6.67 23.80 4.46
C PHE A 100 6.05 22.72 3.58
N LEU A 101 5.00 22.07 4.09
CA LEU A 101 4.34 21.01 3.35
C LEU A 101 3.82 21.48 2.01
N ALA A 102 3.17 22.64 1.98
CA ALA A 102 2.63 23.19 0.73
C ALA A 102 3.75 23.36 -0.28
N GLU A 103 4.83 23.96 0.19
CA GLU A 103 6.02 24.21 -0.61
C GLU A 103 6.64 22.89 -1.08
N ALA A 104 6.66 21.89 -0.20
CA ALA A 104 7.22 20.59 -0.54
C ALA A 104 6.40 19.97 -1.66
N LYS A 105 5.08 20.05 -1.54
CA LYS A 105 4.19 19.49 -2.55
C LYS A 105 4.45 20.16 -3.88
N ALA A 106 4.48 21.48 -3.85
CA ALA A 106 4.71 22.28 -5.05
C ALA A 106 6.01 21.88 -5.75
N SER A 107 7.05 21.58 -4.98
CA SER A 107 8.34 21.19 -5.56
C SER A 107 8.31 19.79 -6.18
N GLY A 108 7.32 18.98 -5.80
CA GLY A 108 7.25 17.63 -6.35
C GLY A 108 7.39 16.51 -5.35
N VAL A 109 7.50 16.84 -4.06
CA VAL A 109 7.63 15.84 -3.02
C VAL A 109 6.29 15.08 -2.89
N ASP A 110 6.36 13.76 -2.73
CA ASP A 110 5.15 12.96 -2.61
C ASP A 110 4.85 12.60 -1.16
N GLY A 111 5.91 12.40 -0.38
CA GLY A 111 5.73 12.05 1.02
C GLY A 111 6.78 12.67 1.91
N ILE A 112 6.63 12.50 3.22
CA ILE A 112 7.59 13.05 4.15
C ILE A 112 7.73 12.22 5.41
N LEU A 113 8.94 12.18 5.94
CA LEU A 113 9.24 11.44 7.16
C LEU A 113 9.89 12.38 8.17
N VAL A 114 9.20 12.63 9.27
CA VAL A 114 9.73 13.47 10.32
C VAL A 114 10.26 12.54 11.40
N VAL A 115 11.57 12.29 11.33
CA VAL A 115 12.25 11.40 12.25
C VAL A 115 11.90 11.53 13.74
N ASP A 116 11.77 12.76 14.23
CA ASP A 116 11.48 12.98 15.65
C ASP A 116 10.21 13.78 15.91
N LEU A 117 9.18 13.56 15.08
CA LEU A 117 7.91 14.27 15.23
C LEU A 117 7.32 14.04 16.63
N PRO A 118 7.23 15.10 17.44
CA PRO A 118 6.68 14.98 18.81
C PRO A 118 5.24 14.50 18.76
N VAL A 119 4.95 13.43 19.49
CA VAL A 119 3.61 12.85 19.51
C VAL A 119 2.52 13.89 19.79
N PHE A 120 2.87 14.90 20.57
CA PHE A 120 1.95 15.97 20.92
C PHE A 120 1.46 16.67 19.66
N HIS A 121 2.34 16.75 18.66
CA HIS A 121 2.03 17.40 17.40
C HIS A 121 1.61 16.46 16.28
N ALA A 122 1.77 15.16 16.51
CA ALA A 122 1.45 14.14 15.52
C ALA A 122 0.10 14.29 14.81
N LYS A 123 -0.98 14.36 15.57
CA LYS A 123 -2.32 14.47 14.98
C LYS A 123 -2.47 15.60 13.97
N GLU A 124 -2.30 16.84 14.43
CA GLU A 124 -2.44 17.97 13.53
C GLU A 124 -1.48 17.86 12.35
N PHE A 125 -0.30 17.30 12.59
CA PHE A 125 0.67 17.17 11.51
C PHE A 125 0.13 16.27 10.40
N THR A 126 -0.45 15.13 10.75
CA THR A 126 -0.97 14.21 9.75
C THR A 126 -2.14 14.84 8.99
N GLU A 127 -2.95 15.63 9.69
CA GLU A 127 -4.10 16.29 9.06
C GLU A 127 -3.65 17.32 8.04
N ILE A 128 -2.64 18.11 8.39
CA ILE A 128 -2.12 19.12 7.49
C ILE A 128 -1.47 18.48 6.27
N ALA A 129 -0.76 17.38 6.51
CA ALA A 129 -0.09 16.64 5.43
C ALA A 129 -1.13 16.12 4.44
N ARG A 130 -2.26 15.65 4.96
CA ARG A 130 -3.34 15.14 4.13
C ARG A 130 -3.91 16.27 3.29
N GLU A 131 -4.25 17.38 3.94
CA GLU A 131 -4.79 18.54 3.25
C GLU A 131 -3.86 19.09 2.19
N GLU A 132 -2.56 19.02 2.44
CA GLU A 132 -1.56 19.52 1.50
C GLU A 132 -1.15 18.53 0.42
N GLY A 133 -1.73 17.34 0.45
CA GLY A 133 -1.43 16.33 -0.55
C GLY A 133 -0.13 15.58 -0.36
N ILE A 134 0.41 15.62 0.86
CA ILE A 134 1.65 14.93 1.16
C ILE A 134 1.39 13.66 1.97
N LYS A 135 1.94 12.54 1.52
CA LYS A 135 1.75 11.28 2.24
C LYS A 135 2.72 11.18 3.41
N THR A 136 2.31 10.46 4.45
CA THR A 136 3.14 10.32 5.63
C THR A 136 3.88 8.99 5.74
N VAL A 137 5.11 9.09 6.22
CA VAL A 137 5.98 7.95 6.42
C VAL A 137 6.45 8.03 7.86
N PHE A 138 6.11 7.03 8.68
CA PHE A 138 6.53 7.02 10.07
C PHE A 138 7.61 5.98 10.32
N LEU A 139 8.48 6.26 11.29
CA LEU A 139 9.58 5.37 11.61
C LEU A 139 9.33 4.47 12.81
N ALA A 140 9.95 3.30 12.78
CA ALA A 140 9.84 2.31 13.84
C ALA A 140 11.17 1.59 13.94
N ALA A 141 11.58 1.25 15.16
CA ALA A 141 12.85 0.56 15.38
C ALA A 141 12.62 -0.74 16.13
N PRO A 142 13.68 -1.53 16.35
CA PRO A 142 13.54 -2.80 17.07
C PRO A 142 12.87 -2.70 18.43
N ASN A 143 12.96 -1.55 19.07
CA ASN A 143 12.36 -1.35 20.38
C ASN A 143 10.92 -0.83 20.34
N THR A 144 10.32 -0.81 19.16
CA THR A 144 8.94 -0.35 19.04
C THR A 144 8.01 -1.54 19.29
N PRO A 145 7.15 -1.44 20.32
CA PRO A 145 6.20 -2.51 20.66
C PRO A 145 5.10 -2.68 19.61
N ASP A 146 4.55 -3.88 19.54
CA ASP A 146 3.49 -4.20 18.59
C ASP A 146 2.36 -3.19 18.65
N GLU A 147 1.97 -2.80 19.86
CA GLU A 147 0.89 -1.83 20.03
C GLU A 147 1.17 -0.54 19.28
N ARG A 148 2.40 -0.05 19.34
CA ARG A 148 2.74 1.20 18.65
C ARG A 148 2.88 1.02 17.15
N LEU A 149 3.22 -0.19 16.71
CA LEU A 149 3.34 -0.45 15.28
C LEU A 149 1.94 -0.30 14.70
N LYS A 150 0.95 -0.76 15.45
CA LYS A 150 -0.44 -0.67 15.02
C LYS A 150 -0.84 0.80 14.88
N VAL A 151 -0.56 1.59 15.92
CA VAL A 151 -0.87 3.01 15.93
C VAL A 151 -0.15 3.72 14.79
N ILE A 152 1.09 3.32 14.56
CA ILE A 152 1.90 3.89 13.49
C ILE A 152 1.30 3.56 12.13
N ASP A 153 0.89 2.30 11.95
CA ASP A 153 0.31 1.87 10.69
C ASP A 153 -1.00 2.62 10.38
N ASP A 154 -1.78 2.91 11.41
CA ASP A 154 -3.05 3.60 11.22
C ASP A 154 -2.92 5.07 10.80
N MET A 155 -1.82 5.71 11.20
CA MET A 155 -1.58 7.10 10.84
C MET A 155 -0.89 7.21 9.50
N THR A 156 -0.16 6.16 9.16
CA THR A 156 0.60 6.11 7.92
C THR A 156 -0.21 6.04 6.64
N THR A 157 0.10 6.94 5.70
CA THR A 157 -0.59 6.96 4.40
C THR A 157 0.38 6.65 3.26
N GLY A 158 1.68 6.72 3.55
CA GLY A 158 2.70 6.44 2.56
C GLY A 158 3.22 5.02 2.71
N PHE A 159 4.02 4.81 3.74
CA PHE A 159 4.57 3.49 4.05
C PHE A 159 5.32 3.56 5.38
N VAL A 160 5.45 2.41 6.04
CA VAL A 160 6.14 2.34 7.32
C VAL A 160 7.63 2.06 7.13
N TYR A 161 8.46 2.95 7.63
CA TYR A 161 9.91 2.81 7.52
C TYR A 161 10.49 2.15 8.77
N LEU A 162 11.00 0.93 8.61
CA LEU A 162 11.58 0.18 9.72
C LEU A 162 13.10 0.38 9.71
N VAL A 163 13.65 0.71 10.86
CA VAL A 163 15.09 0.94 10.96
C VAL A 163 15.74 0.11 12.04
N SER A 164 17.04 -0.07 11.93
CA SER A 164 17.81 -0.83 12.91
C SER A 164 19.15 -0.15 13.10
N LEU A 165 19.33 0.49 14.25
CA LEU A 165 20.59 1.17 14.55
C LEU A 165 21.68 0.19 14.97
N TYR A 166 21.53 -1.06 14.55
CA TYR A 166 22.49 -2.12 14.89
C TYR A 166 23.69 -2.24 13.95
N GLY A 167 23.46 -2.11 12.66
CA GLY A 167 24.56 -2.24 11.71
C GLY A 167 24.62 -3.67 11.21
N THR A 168 25.57 -4.44 11.69
CA THR A 168 25.72 -5.84 11.28
C THR A 168 26.51 -6.66 12.31
N GLU A 173 29.46 -8.50 8.66
CA GLU A 173 28.41 -7.65 8.10
C GLU A 173 27.14 -8.45 7.82
N GLU A 174 26.31 -8.62 8.84
CA GLU A 174 25.07 -9.37 8.65
C GLU A 174 23.89 -8.74 9.38
N ILE A 175 22.71 -8.86 8.76
CA ILE A 175 21.47 -8.32 9.30
C ILE A 175 21.22 -8.99 10.65
N PRO A 176 21.07 -8.18 11.71
CA PRO A 176 20.81 -8.68 13.08
C PRO A 176 19.45 -9.35 13.23
N LYS A 177 19.39 -10.33 14.13
CA LYS A 177 18.16 -11.08 14.39
C LYS A 177 17.08 -10.09 14.83
N THR A 178 17.49 -9.13 15.64
CA THR A 178 16.62 -8.12 16.16
C THR A 178 15.92 -7.31 15.06
N ALA A 179 16.61 -7.11 13.94
CA ALA A 179 16.01 -6.38 12.82
C ALA A 179 15.04 -7.31 12.11
N TYR A 180 15.44 -8.56 11.91
CA TYR A 180 14.54 -9.51 11.27
C TYR A 180 13.27 -9.65 12.08
N ASP A 181 13.41 -9.65 13.40
CA ASP A 181 12.24 -9.76 14.27
C ASP A 181 11.32 -8.55 14.10
N LEU A 182 11.93 -7.37 13.89
CA LEU A 182 11.14 -6.15 13.69
C LEU A 182 10.30 -6.30 12.43
N LEU A 183 10.93 -6.75 11.34
CA LEU A 183 10.24 -6.94 10.06
C LEU A 183 9.08 -7.92 10.21
N ARG A 184 9.35 -9.07 10.82
CA ARG A 184 8.31 -10.06 11.02
C ARG A 184 7.12 -9.47 11.75
N ARG A 185 7.38 -8.73 12.82
CA ARG A 185 6.29 -8.13 13.58
C ARG A 185 5.55 -7.10 12.74
N ALA A 186 6.27 -6.39 11.90
CA ALA A 186 5.66 -5.36 11.06
C ALA A 186 4.74 -5.97 10.01
N LYS A 187 5.21 -7.03 9.36
CA LYS A 187 4.41 -7.67 8.32
C LYS A 187 3.15 -8.26 8.90
N ARG A 188 3.20 -8.58 10.19
CA ARG A 188 2.09 -9.19 10.91
C ARG A 188 1.12 -8.15 11.46
N ILE A 189 1.46 -6.88 11.35
CA ILE A 189 0.62 -5.81 11.88
C ILE A 189 0.22 -4.75 10.86
N CYS A 190 1.12 -4.41 9.96
CA CYS A 190 0.87 -3.33 9.00
C CYS A 190 0.10 -3.65 7.70
N ARG A 191 -0.83 -2.76 7.38
CA ARG A 191 -1.61 -2.88 6.16
C ARG A 191 -0.84 -2.04 5.13
N ASN A 192 -0.07 -1.08 5.63
CA ASN A 192 0.77 -0.23 4.80
C ASN A 192 1.99 -1.06 4.40
N LYS A 193 2.57 -0.77 3.24
CA LYS A 193 3.76 -1.50 2.83
C LYS A 193 4.89 -1.05 3.76
N VAL A 194 5.98 -1.83 3.84
CA VAL A 194 7.10 -1.42 4.68
C VAL A 194 8.41 -1.41 3.90
N ALA A 195 9.28 -0.50 4.29
CA ALA A 195 10.59 -0.43 3.68
C ALA A 195 11.51 -0.73 4.85
N VAL A 196 12.73 -1.17 4.58
CA VAL A 196 13.65 -1.48 5.65
C VAL A 196 14.97 -0.74 5.49
N GLY A 197 15.34 0.02 6.53
CA GLY A 197 16.59 0.75 6.52
C GLY A 197 17.47 0.12 7.57
N PHE A 198 18.01 -1.05 7.24
CA PHE A 198 18.87 -1.81 8.13
C PHE A 198 20.34 -1.67 7.72
N GLY A 199 20.67 -0.60 7.00
CA GLY A 199 22.05 -0.41 6.59
C GLY A 199 22.65 -1.58 5.81
N VAL A 200 21.99 -1.97 4.72
CA VAL A 200 22.47 -3.08 3.89
C VAL A 200 23.78 -2.71 3.20
N SER A 201 24.58 -3.74 2.92
CA SER A 201 25.86 -3.54 2.27
C SER A 201 26.27 -4.71 1.38
N LYS A 202 25.43 -5.74 1.30
CA LYS A 202 25.74 -6.92 0.49
C LYS A 202 24.54 -7.39 -0.31
N ARG A 203 24.82 -8.02 -1.45
CA ARG A 203 23.78 -8.54 -2.33
C ARG A 203 22.82 -9.45 -1.54
N GLU A 204 23.39 -10.31 -0.70
CA GLU A 204 22.57 -11.23 0.08
C GLU A 204 21.59 -10.52 1.02
N HIS A 205 21.97 -9.36 1.54
CA HIS A 205 21.07 -8.61 2.42
C HIS A 205 19.76 -8.28 1.70
N VAL A 206 19.89 -7.70 0.51
CA VAL A 206 18.72 -7.33 -0.28
C VAL A 206 17.79 -8.51 -0.54
N VAL A 207 18.34 -9.59 -1.11
CA VAL A 207 17.57 -10.80 -1.41
C VAL A 207 16.88 -11.34 -0.16
N SER A 208 17.65 -11.48 0.91
CA SER A 208 17.13 -12.01 2.17
C SER A 208 15.95 -11.22 2.71
N LEU A 209 16.07 -9.90 2.75
CA LEU A 209 15.02 -9.03 3.25
C LEU A 209 13.77 -9.06 2.36
N LEU A 210 13.97 -9.01 1.05
CA LEU A 210 12.82 -9.06 0.17
C LEU A 210 12.15 -10.41 0.38
N LYS A 211 12.97 -11.46 0.42
CA LYS A 211 12.48 -12.80 0.66
C LYS A 211 11.67 -12.82 1.95
N GLU A 212 12.12 -12.05 2.94
CA GLU A 212 11.45 -12.01 4.23
C GLU A 212 10.29 -11.04 4.35
N GLY A 213 9.79 -10.52 3.23
CA GLY A 213 8.65 -9.63 3.31
C GLY A 213 8.79 -8.12 3.18
N ALA A 214 10.01 -7.60 3.19
CA ALA A 214 10.19 -6.14 3.03
C ALA A 214 9.78 -5.78 1.60
N ASN A 215 8.76 -4.92 1.48
CA ASN A 215 8.25 -4.48 0.19
C ASN A 215 9.29 -3.68 -0.58
N GLY A 216 10.19 -3.05 0.17
CA GLY A 216 11.24 -2.26 -0.44
C GLY A 216 12.42 -2.17 0.48
N VAL A 217 13.62 -2.12 -0.09
CA VAL A 217 14.81 -2.05 0.73
C VAL A 217 15.52 -0.73 0.53
N VAL A 218 15.74 -0.01 1.61
CA VAL A 218 16.42 1.28 1.51
C VAL A 218 17.93 1.02 1.46
N VAL A 219 18.64 1.88 0.75
CA VAL A 219 20.10 1.76 0.67
C VAL A 219 20.65 3.16 0.75
N GLY A 220 21.08 3.54 1.95
CA GLY A 220 21.65 4.85 2.18
C GLY A 220 23.09 4.76 2.67
N SER A 221 23.27 4.07 3.79
CA SER A 221 24.60 3.92 4.38
C SER A 221 25.66 3.62 3.34
N ALA A 222 25.46 2.56 2.57
CA ALA A 222 26.40 2.15 1.55
C ALA A 222 26.70 3.26 0.53
N LEU A 223 25.69 4.05 0.18
CA LEU A 223 25.87 5.12 -0.80
C LEU A 223 26.55 6.35 -0.20
N VAL A 224 26.05 6.80 0.94
CA VAL A 224 26.61 7.96 1.62
C VAL A 224 28.10 7.73 1.92
N LYS A 225 28.45 6.47 2.14
CA LYS A 225 29.82 6.10 2.45
C LYS A 225 30.71 6.49 1.28
N ILE A 226 30.35 6.04 0.09
CA ILE A 226 31.10 6.33 -1.12
C ILE A 226 31.15 7.84 -1.37
N ILE A 227 30.04 8.51 -1.07
CA ILE A 227 29.94 9.94 -1.27
C ILE A 227 30.88 10.69 -0.32
N GLY A 228 31.04 10.18 0.90
CA GLY A 228 31.93 10.83 1.84
C GLY A 228 33.37 10.82 1.33
N GLU A 229 33.73 9.75 0.66
CA GLU A 229 35.08 9.62 0.12
C GLU A 229 35.31 10.18 -1.29
N LYS A 230 34.36 9.98 -2.20
CA LYS A 230 34.51 10.44 -3.58
C LYS A 230 34.08 11.88 -3.83
N GLY A 231 33.17 12.40 -3.00
CA GLY A 231 32.70 13.76 -3.20
C GLY A 231 31.83 13.83 -4.44
N ARG A 232 32.01 14.88 -5.24
CA ARG A 232 31.21 15.04 -6.45
C ARG A 232 31.33 13.88 -7.44
N GLU A 233 32.50 13.25 -7.48
CA GLU A 233 32.80 12.16 -8.40
C GLU A 233 32.35 10.76 -7.98
N ALA A 234 31.48 10.68 -6.97
CA ALA A 234 31.02 9.37 -6.51
C ALA A 234 30.05 8.73 -7.48
N THR A 235 29.43 9.56 -8.31
CA THR A 235 28.42 9.13 -9.28
C THR A 235 28.56 7.72 -9.87
N GLU A 236 29.62 7.48 -10.63
CA GLU A 236 29.80 6.17 -11.26
C GLU A 236 29.94 5.01 -10.28
N PHE A 237 30.58 5.25 -9.13
CA PHE A 237 30.74 4.21 -8.12
C PHE A 237 29.40 3.88 -7.47
N LEU A 238 28.53 4.88 -7.40
CA LEU A 238 27.21 4.69 -6.80
C LEU A 238 26.37 3.73 -7.64
N LYS A 239 26.52 3.86 -8.95
CA LYS A 239 25.79 3.01 -9.89
C LYS A 239 26.31 1.57 -9.81
N LYS A 240 27.62 1.42 -9.68
CA LYS A 240 28.21 0.08 -9.57
C LYS A 240 27.73 -0.58 -8.27
N LYS A 241 27.66 0.22 -7.21
CA LYS A 241 27.21 -0.28 -5.91
C LYS A 241 25.78 -0.81 -5.99
N VAL A 242 24.89 0.01 -6.55
CA VAL A 242 23.50 -0.40 -6.69
C VAL A 242 23.34 -1.62 -7.59
N GLU A 243 24.12 -1.67 -8.67
CA GLU A 243 24.06 -2.82 -9.55
C GLU A 243 24.50 -4.06 -8.78
N GLU A 244 25.49 -3.91 -7.91
CA GLU A 244 25.98 -5.06 -7.12
C GLU A 244 24.84 -5.56 -6.22
N LEU A 245 24.25 -4.65 -5.47
CA LEU A 245 23.17 -5.01 -4.55
C LEU A 245 21.95 -5.54 -5.27
N LEU A 246 21.92 -5.35 -6.59
CA LEU A 246 20.80 -5.81 -7.38
C LEU A 246 21.10 -7.06 -8.19
N GLY A 247 22.36 -7.51 -8.14
CA GLY A 247 22.76 -8.70 -8.87
C GLY A 247 22.90 -8.48 -10.37
N ILE A 248 23.21 -7.24 -10.76
CA ILE A 248 23.38 -6.87 -12.16
C ILE A 248 24.67 -6.08 -12.36
N MET B 1 -4.65 -1.81 1.51
CA MET B 1 -5.60 -1.59 2.62
C MET B 1 -5.50 -2.73 3.64
N PHE B 2 -4.83 -3.80 3.24
CA PHE B 2 -4.71 -4.98 4.10
C PHE B 2 -3.27 -5.45 4.25
N LYS B 3 -3.01 -6.29 5.23
CA LYS B 3 -1.67 -6.82 5.45
C LYS B 3 -1.34 -7.73 4.28
N ASP B 4 -0.04 -7.88 3.99
CA ASP B 4 0.41 -8.78 2.93
C ASP B 4 0.04 -10.16 3.43
N GLY B 5 -0.38 -11.03 2.52
CA GLY B 5 -0.75 -12.39 2.90
C GLY B 5 -2.18 -12.52 3.43
N SER B 6 -2.99 -11.48 3.24
CA SER B 6 -4.36 -11.50 3.71
C SER B 6 -5.30 -12.33 2.85
N LEU B 7 -6.25 -12.98 3.52
CA LEU B 7 -7.28 -13.74 2.84
C LEU B 7 -8.42 -12.73 2.88
N ILE B 8 -9.03 -12.44 1.73
CA ILE B 8 -10.10 -11.47 1.68
C ILE B 8 -11.42 -12.10 1.25
N PRO B 9 -12.34 -12.32 2.21
CA PRO B 9 -13.63 -12.93 1.86
C PRO B 9 -14.54 -11.98 1.08
N TYR B 10 -15.25 -12.53 0.10
CA TYR B 10 -16.21 -11.76 -0.66
C TYR B 10 -17.59 -12.40 -0.38
N LEU B 11 -18.58 -11.56 -0.08
CA LEU B 11 -19.94 -12.04 0.16
C LEU B 11 -20.91 -11.09 -0.51
N THR B 12 -22.06 -11.61 -0.92
CA THR B 12 -23.08 -10.78 -1.55
C THR B 12 -24.04 -10.36 -0.47
N ALA B 13 -24.35 -9.07 -0.42
CA ALA B 13 -25.27 -8.54 0.58
C ALA B 13 -26.68 -9.07 0.32
N GLY B 14 -27.29 -9.64 1.36
CA GLY B 14 -28.65 -10.15 1.24
C GLY B 14 -28.76 -11.53 0.63
N ASP B 15 -27.70 -12.33 0.77
CA ASP B 15 -27.67 -13.69 0.22
C ASP B 15 -27.48 -14.69 1.37
N PRO B 16 -28.58 -15.33 1.84
CA PRO B 16 -29.99 -15.23 1.44
C PRO B 16 -30.77 -14.06 2.06
N ASP B 17 -30.18 -13.41 3.05
CA ASP B 17 -30.79 -12.24 3.70
C ASP B 17 -29.73 -11.45 4.46
N LYS B 18 -30.03 -10.19 4.76
CA LYS B 18 -29.07 -9.35 5.45
C LYS B 18 -28.57 -9.88 6.80
N GLN B 19 -29.44 -10.54 7.56
CA GLN B 19 -29.00 -11.07 8.85
C GLN B 19 -27.99 -12.20 8.63
N SER B 20 -28.23 -13.03 7.62
CA SER B 20 -27.33 -14.13 7.31
C SER B 20 -25.98 -13.55 6.89
N THR B 21 -25.98 -12.58 5.97
CA THR B 21 -24.75 -11.95 5.52
C THR B 21 -23.94 -11.51 6.75
N LEU B 22 -24.60 -10.79 7.67
CA LEU B 22 -23.97 -10.33 8.90
C LEU B 22 -23.40 -11.50 9.69
N ASN B 23 -24.18 -12.56 9.82
CA ASN B 23 -23.73 -13.74 10.55
C ASN B 23 -22.44 -14.29 9.93
N PHE B 24 -22.40 -14.37 8.60
CA PHE B 24 -21.24 -14.91 7.89
C PHE B 24 -20.02 -14.01 8.09
N LEU B 25 -20.22 -12.70 7.99
CA LEU B 25 -19.14 -11.74 8.15
C LEU B 25 -18.50 -11.87 9.53
N LEU B 26 -19.34 -11.93 10.56
CA LEU B 26 -18.86 -12.06 11.93
C LEU B 26 -18.11 -13.37 12.18
N ALA B 27 -18.53 -14.43 11.50
CA ALA B 27 -17.89 -15.73 11.67
C ALA B 27 -16.59 -15.86 10.90
N LEU B 28 -16.38 -15.02 9.89
CA LEU B 28 -15.16 -15.10 9.10
C LEU B 28 -14.15 -14.00 9.44
N ASP B 29 -14.58 -12.99 10.19
CA ASP B 29 -13.71 -11.89 10.53
C ASP B 29 -12.34 -12.30 11.04
N GLU B 30 -12.31 -13.29 11.94
CA GLU B 30 -11.06 -13.73 12.54
C GLU B 30 -9.99 -14.17 11.55
N TYR B 31 -10.39 -14.52 10.33
CA TYR B 31 -9.42 -14.95 9.32
C TYR B 31 -9.23 -13.91 8.21
N ALA B 32 -9.98 -12.82 8.26
CA ALA B 32 -9.90 -11.81 7.21
C ALA B 32 -8.89 -10.69 7.40
N GLY B 33 -8.26 -10.32 6.29
CA GLY B 33 -7.31 -9.23 6.29
C GLY B 33 -8.12 -8.01 5.87
N ALA B 34 -9.23 -8.29 5.21
CA ALA B 34 -10.17 -7.28 4.71
C ALA B 34 -11.36 -8.04 4.15
N ILE B 35 -12.49 -7.36 3.94
CA ILE B 35 -13.67 -8.02 3.42
C ILE B 35 -14.31 -7.25 2.26
N GLU B 36 -14.80 -7.99 1.27
CA GLU B 36 -15.49 -7.39 0.13
C GLU B 36 -16.98 -7.70 0.28
N LEU B 37 -17.80 -6.66 0.22
CA LEU B 37 -19.25 -6.83 0.33
C LEU B 37 -19.86 -6.35 -0.98
N GLY B 38 -20.40 -7.29 -1.75
CA GLY B 38 -20.99 -6.95 -3.02
C GLY B 38 -22.46 -6.60 -2.96
N ILE B 39 -22.85 -5.58 -3.71
CA ILE B 39 -24.23 -5.15 -3.78
C ILE B 39 -24.83 -5.87 -4.96
N PRO B 40 -25.87 -6.68 -4.74
CA PRO B 40 -26.49 -7.39 -5.85
C PRO B 40 -27.12 -6.44 -6.88
N PHE B 41 -26.96 -6.81 -8.15
CA PHE B 41 -27.47 -6.00 -9.26
C PHE B 41 -28.15 -6.92 -10.30
N SER B 42 -29.21 -6.41 -10.93
CA SER B 42 -29.96 -7.16 -11.91
C SER B 42 -29.12 -7.76 -13.05
N ASP B 43 -28.08 -7.06 -13.46
CA ASP B 43 -27.24 -7.53 -14.56
C ASP B 43 -25.75 -7.53 -14.25
N PRO B 44 -25.30 -8.43 -13.35
CA PRO B 44 -23.90 -8.53 -12.96
C PRO B 44 -23.09 -9.25 -14.04
N ILE B 45 -23.09 -8.68 -15.23
CA ILE B 45 -22.40 -9.27 -16.38
C ILE B 45 -20.88 -9.41 -16.27
N ALA B 46 -20.26 -8.76 -15.30
CA ALA B 46 -18.82 -8.86 -15.13
C ALA B 46 -18.45 -10.01 -14.21
N ASP B 47 -19.44 -10.59 -13.52
CA ASP B 47 -19.17 -11.68 -12.61
C ASP B 47 -19.31 -13.06 -13.22
N GLY B 48 -18.68 -14.04 -12.58
CA GLY B 48 -18.76 -15.40 -13.05
C GLY B 48 -20.09 -16.03 -12.65
N LYS B 49 -20.35 -17.20 -13.21
CA LYS B 49 -21.57 -17.97 -12.97
C LYS B 49 -22.02 -18.04 -11.51
N THR B 50 -21.13 -18.47 -10.62
CA THR B 50 -21.46 -18.61 -9.20
C THR B 50 -21.93 -17.32 -8.55
N ILE B 51 -21.08 -16.30 -8.56
CA ILE B 51 -21.44 -15.03 -7.96
C ILE B 51 -22.70 -14.41 -8.59
N GLN B 52 -22.86 -14.56 -9.91
CA GLN B 52 -24.03 -14.03 -10.58
C GLN B 52 -25.28 -14.60 -9.93
N GLU B 53 -25.27 -15.91 -9.69
CA GLU B 53 -26.41 -16.58 -9.09
C GLU B 53 -26.74 -16.05 -7.69
N SER B 54 -25.74 -15.56 -6.97
CA SER B 54 -25.96 -15.01 -5.64
C SER B 54 -26.64 -13.64 -5.75
N HIS B 55 -26.34 -12.89 -6.79
CA HIS B 55 -26.97 -11.59 -7.02
C HIS B 55 -28.46 -11.85 -7.26
N TYR B 56 -28.75 -12.87 -8.06
CA TYR B 56 -30.12 -13.24 -8.38
C TYR B 56 -30.88 -13.64 -7.11
N ARG B 57 -30.24 -14.48 -6.30
CA ARG B 57 -30.84 -14.93 -5.04
C ARG B 57 -31.17 -13.73 -4.14
N ALA B 58 -30.16 -12.92 -3.85
CA ALA B 58 -30.33 -11.76 -2.98
C ALA B 58 -31.50 -10.90 -3.44
N LEU B 59 -31.56 -10.64 -4.74
CA LEU B 59 -32.61 -9.83 -5.31
C LEU B 59 -34.00 -10.47 -5.23
N LYS B 60 -34.09 -11.76 -5.56
CA LYS B 60 -35.37 -12.45 -5.48
C LYS B 60 -35.90 -12.35 -4.06
N ASN B 61 -35.00 -12.44 -3.09
CA ASN B 61 -35.37 -12.37 -1.68
C ASN B 61 -35.64 -10.93 -1.22
N GLY B 62 -35.67 -9.99 -2.17
CA GLY B 62 -35.98 -8.61 -1.83
C GLY B 62 -34.90 -7.66 -1.32
N PHE B 63 -33.64 -7.88 -1.71
CA PHE B 63 -32.59 -6.99 -1.26
C PHE B 63 -32.83 -5.53 -1.67
N LYS B 64 -32.57 -4.61 -0.75
CA LYS B 64 -32.71 -3.17 -1.01
C LYS B 64 -31.36 -2.52 -0.80
N LEU B 65 -30.94 -1.71 -1.78
CA LEU B 65 -29.64 -1.04 -1.73
C LEU B 65 -29.09 -0.72 -0.36
N ARG B 66 -29.83 0.08 0.42
CA ARG B 66 -29.34 0.47 1.73
C ARG B 66 -29.27 -0.59 2.82
N GLU B 67 -29.75 -1.78 2.53
CA GLU B 67 -29.66 -2.85 3.52
C GLU B 67 -28.17 -3.20 3.65
N ALA B 68 -27.40 -2.78 2.65
CA ALA B 68 -25.95 -3.02 2.63
C ALA B 68 -25.29 -2.20 3.74
N PHE B 69 -25.76 -0.97 3.90
CA PHE B 69 -25.22 -0.08 4.94
C PHE B 69 -25.63 -0.58 6.32
N TRP B 70 -26.81 -1.22 6.37
CA TRP B 70 -27.30 -1.77 7.62
C TRP B 70 -26.34 -2.85 8.06
N ILE B 71 -25.90 -3.66 7.10
CA ILE B 71 -24.98 -4.77 7.37
C ILE B 71 -23.60 -4.26 7.80
N VAL B 72 -23.08 -3.28 7.09
CA VAL B 72 -21.78 -2.70 7.41
C VAL B 72 -21.83 -2.06 8.78
N LYS B 73 -22.87 -1.26 9.00
CA LYS B 73 -23.06 -0.55 10.26
C LYS B 73 -23.10 -1.50 11.45
N ALA B 74 -23.81 -2.61 11.31
CA ALA B 74 -23.92 -3.60 12.37
C ALA B 74 -22.58 -4.30 12.57
N PHE B 75 -21.92 -4.64 11.48
CA PHE B 75 -20.62 -5.32 11.53
C PHE B 75 -19.59 -4.46 12.25
N ARG B 76 -19.60 -3.16 11.97
CA ARG B 76 -18.67 -2.21 12.58
C ARG B 76 -18.71 -2.16 14.11
N ARG B 77 -19.83 -2.53 14.71
CA ARG B 77 -19.94 -2.52 16.16
C ARG B 77 -19.12 -3.65 16.79
N HIS B 78 -18.69 -4.60 15.95
CA HIS B 78 -17.90 -5.73 16.46
C HIS B 78 -16.50 -5.78 15.88
N SER B 79 -16.30 -5.17 14.71
CA SER B 79 -15.00 -5.22 14.07
C SER B 79 -14.59 -3.96 13.32
N SER B 80 -13.28 -3.83 13.13
CA SER B 80 -12.70 -2.70 12.43
C SER B 80 -11.98 -3.18 11.16
N THR B 81 -12.24 -4.42 10.79
CA THR B 81 -11.63 -4.99 9.59
C THR B 81 -12.01 -4.13 8.40
N PRO B 82 -11.03 -3.72 7.58
CA PRO B 82 -11.33 -2.88 6.41
C PRO B 82 -12.43 -3.47 5.54
N ILE B 83 -13.38 -2.62 5.14
CA ILE B 83 -14.47 -3.08 4.29
C ILE B 83 -14.52 -2.35 2.97
N VAL B 84 -14.65 -3.13 1.89
CA VAL B 84 -14.74 -2.56 0.56
C VAL B 84 -16.08 -2.94 -0.04
N LEU B 85 -16.89 -1.94 -0.35
CA LEU B 85 -18.20 -2.18 -0.95
C LEU B 85 -17.98 -2.36 -2.45
N MET B 86 -18.50 -3.48 -2.98
CA MET B 86 -18.38 -3.77 -4.41
C MET B 86 -19.74 -3.59 -5.05
N THR B 87 -19.79 -2.84 -6.14
CA THR B 87 -21.07 -2.59 -6.79
C THR B 87 -20.95 -2.15 -8.24
N TYR B 88 -22.06 -2.26 -8.98
CA TYR B 88 -22.10 -1.80 -10.37
C TYR B 88 -22.44 -0.32 -10.27
N TYR B 89 -22.22 0.43 -11.34
CA TYR B 89 -22.45 1.86 -11.32
C TYR B 89 -23.91 2.32 -11.24
N ASN B 90 -24.82 1.59 -11.87
CA ASN B 90 -26.22 1.96 -11.88
C ASN B 90 -26.78 2.41 -10.53
N PRO B 91 -26.70 1.55 -9.49
CA PRO B 91 -27.21 1.92 -8.17
C PRO B 91 -26.64 3.25 -7.66
N ILE B 92 -25.33 3.38 -7.72
CA ILE B 92 -24.63 4.60 -7.28
C ILE B 92 -25.10 5.80 -8.08
N TYR B 93 -25.15 5.62 -9.39
CA TYR B 93 -25.56 6.68 -10.30
C TYR B 93 -26.93 7.24 -10.00
N ARG B 94 -27.91 6.36 -9.84
CA ARG B 94 -29.28 6.79 -9.56
C ARG B 94 -29.48 7.44 -8.20
N ALA B 95 -28.80 6.94 -7.18
CA ALA B 95 -28.92 7.50 -5.84
C ALA B 95 -28.11 8.79 -5.64
N GLY B 96 -27.23 9.09 -6.58
CA GLY B 96 -26.40 10.28 -6.47
C GLY B 96 -25.05 9.89 -5.92
N VAL B 97 -24.00 10.10 -6.70
CA VAL B 97 -22.65 9.74 -6.30
C VAL B 97 -22.24 10.18 -4.89
N ARG B 98 -21.97 11.47 -4.71
CA ARG B 98 -21.56 11.98 -3.40
C ARG B 98 -22.48 11.55 -2.25
N ASN B 99 -23.78 11.52 -2.51
CA ASN B 99 -24.74 11.11 -1.48
C ASN B 99 -24.47 9.67 -1.06
N PHE B 100 -24.22 8.83 -2.05
CA PHE B 100 -23.95 7.42 -1.81
C PHE B 100 -22.64 7.26 -1.04
N LEU B 101 -21.58 7.88 -1.55
CA LEU B 101 -20.28 7.82 -0.92
C LEU B 101 -20.30 8.33 0.51
N ALA B 102 -20.92 9.49 0.73
CA ALA B 102 -21.00 10.08 2.06
C ALA B 102 -21.64 9.08 3.01
N GLU B 103 -22.77 8.53 2.56
CA GLU B 103 -23.54 7.56 3.33
C GLU B 103 -22.71 6.30 3.58
N ALA B 104 -21.95 5.87 2.57
CA ALA B 104 -21.11 4.69 2.68
C ALA B 104 -20.06 4.90 3.77
N LYS B 105 -19.43 6.08 3.74
CA LYS B 105 -18.42 6.44 4.73
C LYS B 105 -19.02 6.41 6.12
N ALA B 106 -20.18 7.05 6.25
CA ALA B 106 -20.88 7.12 7.52
C ALA B 106 -21.18 5.74 8.10
N SER B 107 -21.52 4.78 7.23
CA SER B 107 -21.82 3.43 7.69
C SER B 107 -20.57 2.64 8.10
N GLY B 108 -19.39 3.11 7.68
CA GLY B 108 -18.18 2.42 8.05
C GLY B 108 -17.38 1.84 6.90
N VAL B 109 -17.83 2.10 5.67
CA VAL B 109 -17.12 1.60 4.49
C VAL B 109 -15.80 2.34 4.35
N ASP B 110 -14.73 1.63 4.00
CA ASP B 110 -13.41 2.25 3.85
C ASP B 110 -13.04 2.47 2.39
N GLY B 111 -13.51 1.57 1.52
CA GLY B 111 -13.23 1.70 0.11
C GLY B 111 -14.39 1.24 -0.75
N ILE B 112 -14.27 1.47 -2.05
CA ILE B 112 -15.33 1.04 -2.96
C ILE B 112 -14.80 0.65 -4.32
N LEU B 113 -15.46 -0.33 -4.93
CA LEU B 113 -15.09 -0.83 -6.25
C LEU B 113 -16.31 -0.78 -7.16
N VAL B 114 -16.25 0.08 -8.17
CA VAL B 114 -17.34 0.20 -9.12
C VAL B 114 -16.93 -0.60 -10.35
N VAL B 115 -17.39 -1.84 -10.40
CA VAL B 115 -17.10 -2.79 -11.47
C VAL B 115 -17.13 -2.25 -12.89
N ASP B 116 -18.14 -1.43 -13.21
CA ASP B 116 -18.29 -0.89 -14.56
C ASP B 116 -18.31 0.63 -14.63
N LEU B 117 -17.53 1.28 -13.77
CA LEU B 117 -17.44 2.74 -13.75
C LEU B 117 -17.06 3.29 -15.13
N PRO B 118 -17.97 4.02 -15.80
CA PRO B 118 -17.71 4.60 -17.13
C PRO B 118 -16.54 5.56 -17.07
N VAL B 119 -15.53 5.33 -17.90
CA VAL B 119 -14.33 6.17 -17.93
C VAL B 119 -14.66 7.66 -18.00
N PHE B 120 -15.75 7.98 -18.66
CA PHE B 120 -16.20 9.36 -18.82
C PHE B 120 -16.42 9.99 -17.44
N HIS B 121 -16.89 9.17 -16.50
CA HIS B 121 -17.17 9.61 -15.14
C HIS B 121 -16.05 9.33 -14.14
N ALA B 122 -15.06 8.55 -14.57
CA ALA B 122 -13.95 8.18 -13.71
C ALA B 122 -13.31 9.30 -12.89
N LYS B 123 -12.85 10.36 -13.56
CA LYS B 123 -12.19 11.48 -12.89
C LYS B 123 -12.97 12.07 -11.72
N GLU B 124 -14.15 12.61 -12.01
CA GLU B 124 -14.96 13.21 -10.97
C GLU B 124 -15.29 12.21 -9.87
N PHE B 125 -15.46 10.95 -10.25
CA PHE B 125 -15.76 9.93 -9.25
C PHE B 125 -14.63 9.79 -8.25
N THR B 126 -13.39 9.74 -8.72
CA THR B 126 -12.26 9.59 -7.82
C THR B 126 -12.09 10.82 -6.92
N GLU B 127 -12.39 11.99 -7.46
CA GLU B 127 -12.28 13.21 -6.68
C GLU B 127 -13.31 13.25 -5.55
N ILE B 128 -14.54 12.85 -5.86
CA ILE B 128 -15.60 12.82 -4.86
C ILE B 128 -15.30 11.78 -3.79
N ALA B 129 -14.77 10.63 -4.21
CA ALA B 129 -14.42 9.56 -3.28
C ALA B 129 -13.35 10.06 -2.32
N ARG B 130 -12.40 10.83 -2.84
CA ARG B 130 -11.33 11.37 -2.02
C ARG B 130 -11.92 12.34 -0.99
N GLU B 131 -12.73 13.28 -1.46
CA GLU B 131 -13.36 14.26 -0.59
C GLU B 131 -14.23 13.62 0.48
N GLU B 132 -14.87 12.51 0.13
CA GLU B 132 -15.74 11.81 1.08
C GLU B 132 -15.03 10.83 1.99
N GLY B 133 -13.71 10.71 1.84
CA GLY B 133 -12.94 9.81 2.69
C GLY B 133 -13.03 8.35 2.31
N ILE B 134 -13.40 8.06 1.07
CA ILE B 134 -13.52 6.68 0.60
C ILE B 134 -12.39 6.35 -0.37
N LYS B 135 -11.66 5.27 -0.10
CA LYS B 135 -10.57 4.86 -0.97
C LYS B 135 -11.12 4.11 -2.18
N THR B 136 -10.40 4.23 -3.29
CA THR B 136 -10.80 3.59 -4.52
C THR B 136 -10.08 2.29 -4.86
N VAL B 137 -10.85 1.35 -5.39
CA VAL B 137 -10.35 0.05 -5.80
C VAL B 137 -10.79 -0.12 -7.25
N PHE B 138 -9.83 -0.27 -8.16
CA PHE B 138 -10.16 -0.47 -9.56
C PHE B 138 -9.88 -1.89 -10.00
N LEU B 139 -10.65 -2.36 -10.97
CA LEU B 139 -10.52 -3.72 -11.47
C LEU B 139 -9.72 -3.83 -12.76
N ALA B 140 -9.05 -4.97 -12.92
CA ALA B 140 -8.24 -5.25 -14.11
C ALA B 140 -8.35 -6.75 -14.37
N ALA B 141 -8.40 -7.12 -15.65
CA ALA B 141 -8.50 -8.52 -16.03
C ALA B 141 -7.33 -8.90 -16.95
N PRO B 142 -7.26 -10.20 -17.34
CA PRO B 142 -6.16 -10.65 -18.21
C PRO B 142 -5.99 -9.87 -19.50
N ASN B 143 -7.06 -9.26 -19.98
CA ASN B 143 -7.02 -8.50 -21.23
C ASN B 143 -6.70 -7.02 -21.03
N THR B 144 -6.31 -6.64 -19.82
CA THR B 144 -5.96 -5.25 -19.54
C THR B 144 -4.50 -5.05 -19.90
N PRO B 145 -4.20 -4.13 -20.84
CA PRO B 145 -2.83 -3.86 -21.26
C PRO B 145 -2.00 -3.14 -20.19
N ASP B 146 -0.69 -3.32 -20.25
CA ASP B 146 0.23 -2.70 -19.30
C ASP B 146 -0.03 -1.20 -19.15
N GLU B 147 -0.25 -0.52 -20.26
CA GLU B 147 -0.51 0.92 -20.23
C GLU B 147 -1.69 1.27 -19.33
N ARG B 148 -2.76 0.48 -19.40
CA ARG B 148 -3.92 0.77 -18.59
C ARG B 148 -3.70 0.38 -17.14
N LEU B 149 -2.84 -0.61 -16.90
CA LEU B 149 -2.57 -1.00 -15.52
C LEU B 149 -1.92 0.18 -14.83
N LYS B 150 -1.08 0.87 -15.59
CA LYS B 150 -0.38 2.04 -15.06
C LYS B 150 -1.38 3.14 -14.71
N VAL B 151 -2.29 3.43 -15.63
CA VAL B 151 -3.33 4.44 -15.43
C VAL B 151 -4.21 4.06 -14.25
N ILE B 152 -4.50 2.77 -14.14
CA ILE B 152 -5.33 2.25 -13.07
C ILE B 152 -4.62 2.43 -11.73
N ASP B 153 -3.32 2.09 -11.70
CA ASP B 153 -2.55 2.21 -10.47
C ASP B 153 -2.45 3.65 -9.99
N ASP B 154 -2.39 4.60 -10.93
CA ASP B 154 -2.30 6.02 -10.57
C ASP B 154 -3.58 6.60 -9.96
N MET B 155 -4.73 6.06 -10.34
CA MET B 155 -6.01 6.53 -9.81
C MET B 155 -6.35 5.83 -8.51
N THR B 156 -5.80 4.64 -8.34
CA THR B 156 -6.07 3.81 -7.18
C THR B 156 -5.47 4.31 -5.86
N THR B 157 -6.32 4.40 -4.84
CA THR B 157 -5.88 4.84 -3.52
C THR B 157 -6.03 3.71 -2.51
N GLY B 158 -6.81 2.69 -2.87
CA GLY B 158 -7.02 1.56 -1.97
C GLY B 158 -6.12 0.41 -2.34
N PHE B 159 -6.46 -0.27 -3.43
CA PHE B 159 -5.66 -1.37 -3.95
C PHE B 159 -6.21 -1.81 -5.30
N VAL B 160 -5.38 -2.44 -6.10
CA VAL B 160 -5.79 -2.90 -7.42
C VAL B 160 -6.30 -4.33 -7.35
N TYR B 161 -7.54 -4.52 -7.79
CA TYR B 161 -8.18 -5.83 -7.79
C TYR B 161 -8.02 -6.49 -9.16
N LEU B 162 -7.25 -7.58 -9.19
CA LEU B 162 -7.01 -8.32 -10.42
C LEU B 162 -7.97 -9.49 -10.46
N VAL B 163 -8.66 -9.67 -11.59
CA VAL B 163 -9.62 -10.76 -11.75
C VAL B 163 -9.36 -11.60 -12.99
N SER B 164 -9.90 -12.81 -12.96
CA SER B 164 -9.75 -13.74 -14.07
C SER B 164 -11.05 -14.51 -14.24
N LEU B 165 -11.78 -14.20 -15.31
CA LEU B 165 -13.04 -14.88 -15.58
C LEU B 165 -12.81 -16.26 -16.18
N TYR B 166 -11.63 -16.82 -15.95
CA TYR B 166 -11.28 -18.14 -16.49
C TYR B 166 -11.71 -19.34 -15.67
N GLY B 167 -11.62 -19.23 -14.34
CA GLY B 167 -12.00 -20.34 -13.50
C GLY B 167 -10.79 -21.19 -13.18
N THR B 168 -10.66 -22.35 -13.82
CA THR B 168 -9.52 -23.25 -13.60
C THR B 168 -9.37 -24.24 -14.76
N THR B 169 -8.13 -24.54 -15.11
CA THR B 169 -7.87 -25.48 -16.19
C THR B 169 -8.47 -26.85 -15.88
N GLU B 173 -8.12 -29.05 -11.77
CA GLU B 173 -8.37 -27.69 -11.32
C GLU B 173 -7.09 -26.98 -10.94
N GLU B 174 -6.61 -26.10 -11.82
CA GLU B 174 -5.38 -25.35 -11.58
C GLU B 174 -5.60 -23.91 -12.04
N ILE B 175 -4.96 -22.96 -11.37
CA ILE B 175 -5.08 -21.56 -11.77
C ILE B 175 -4.49 -21.46 -13.17
N PRO B 176 -5.22 -20.84 -14.12
CA PRO B 176 -4.74 -20.69 -15.50
C PRO B 176 -3.57 -19.74 -15.73
N LYS B 177 -2.65 -20.16 -16.61
CA LYS B 177 -1.46 -19.37 -16.95
C LYS B 177 -1.87 -17.93 -17.26
N THR B 178 -3.05 -17.80 -17.84
CA THR B 178 -3.60 -16.52 -18.22
C THR B 178 -3.67 -15.58 -17.02
N ALA B 179 -4.06 -16.10 -15.86
CA ALA B 179 -4.17 -15.28 -14.65
C ALA B 179 -2.80 -15.02 -14.04
N TYR B 180 -1.95 -16.04 -14.05
CA TYR B 180 -0.60 -15.88 -13.50
C TYR B 180 0.14 -14.80 -14.27
N ASP B 181 -0.16 -14.68 -15.55
CA ASP B 181 0.49 -13.66 -16.35
C ASP B 181 0.06 -12.25 -15.90
N LEU B 182 -1.24 -12.08 -15.62
CA LEU B 182 -1.74 -10.78 -15.18
C LEU B 182 -1.08 -10.30 -13.87
N LEU B 183 -0.91 -11.22 -12.92
CA LEU B 183 -0.29 -10.89 -11.64
C LEU B 183 1.15 -10.44 -11.87
N ARG B 184 1.91 -11.23 -12.62
CA ARG B 184 3.31 -10.90 -12.90
C ARG B 184 3.41 -9.51 -13.52
N ARG B 185 2.62 -9.26 -14.55
CA ARG B 185 2.63 -7.96 -15.22
C ARG B 185 2.23 -6.81 -14.30
N ALA B 186 1.42 -7.10 -13.28
CA ALA B 186 0.99 -6.05 -12.38
C ALA B 186 2.00 -5.73 -11.27
N LYS B 187 2.67 -6.74 -10.75
CA LYS B 187 3.65 -6.55 -9.68
C LYS B 187 4.84 -5.77 -10.23
N ARG B 188 4.88 -5.70 -11.55
CA ARG B 188 5.94 -5.02 -12.28
C ARG B 188 5.58 -3.55 -12.54
N ILE B 189 4.34 -3.15 -12.23
CA ILE B 189 3.88 -1.78 -12.46
C ILE B 189 3.22 -1.08 -11.27
N CYS B 190 2.40 -1.81 -10.53
CA CYS B 190 1.65 -1.27 -9.40
C CYS B 190 2.39 -0.96 -8.10
N ARG B 191 2.29 0.28 -7.67
CA ARG B 191 2.90 0.73 -6.42
C ARG B 191 1.91 0.37 -5.30
N ASN B 192 0.63 0.33 -5.66
CA ASN B 192 -0.43 -0.07 -4.73
C ASN B 192 -0.26 -1.57 -4.55
N LYS B 193 -0.93 -2.12 -3.54
CA LYS B 193 -0.90 -3.57 -3.30
C LYS B 193 -1.93 -4.20 -4.24
N VAL B 194 -1.76 -5.46 -4.56
CA VAL B 194 -2.73 -6.11 -5.43
C VAL B 194 -3.46 -7.24 -4.70
N ALA B 195 -4.74 -7.39 -5.01
CA ALA B 195 -5.55 -8.44 -4.45
C ALA B 195 -5.93 -9.19 -5.72
N VAL B 196 -6.01 -10.50 -5.64
CA VAL B 196 -6.35 -11.30 -6.79
C VAL B 196 -7.66 -12.08 -6.61
N GLY B 197 -8.52 -11.99 -7.62
CA GLY B 197 -9.79 -12.69 -7.63
C GLY B 197 -9.74 -13.63 -8.81
N PHE B 198 -9.08 -14.77 -8.61
CA PHE B 198 -8.89 -15.77 -9.65
C PHE B 198 -9.72 -17.05 -9.49
N GLY B 199 -10.63 -17.06 -8.53
CA GLY B 199 -11.46 -18.22 -8.29
C GLY B 199 -10.77 -19.41 -7.64
N VAL B 200 -10.13 -19.15 -6.51
CA VAL B 200 -9.42 -20.20 -5.80
C VAL B 200 -10.42 -21.19 -5.19
N SER B 201 -9.99 -22.43 -5.04
CA SER B 201 -10.84 -23.46 -4.46
C SER B 201 -10.01 -24.53 -3.75
N LYS B 202 -8.70 -24.28 -3.64
CA LYS B 202 -7.80 -25.22 -2.98
C LYS B 202 -6.72 -24.53 -2.15
N ARG B 203 -6.20 -25.23 -1.15
CA ARG B 203 -5.17 -24.68 -0.29
C ARG B 203 -3.94 -24.26 -1.09
N GLU B 204 -3.56 -25.09 -2.05
CA GLU B 204 -2.41 -24.82 -2.91
C GLU B 204 -2.61 -23.55 -3.75
N HIS B 205 -3.87 -23.18 -3.98
CA HIS B 205 -4.18 -21.97 -4.74
C HIS B 205 -3.69 -20.75 -3.98
N VAL B 206 -4.13 -20.65 -2.72
CA VAL B 206 -3.75 -19.54 -1.85
C VAL B 206 -2.22 -19.46 -1.70
N VAL B 207 -1.59 -20.61 -1.47
CA VAL B 207 -0.15 -20.67 -1.31
C VAL B 207 0.60 -20.26 -2.57
N SER B 208 0.09 -20.69 -3.70
CA SER B 208 0.71 -20.39 -4.99
C SER B 208 0.68 -18.89 -5.34
N LEU B 209 -0.48 -18.29 -5.17
CA LEU B 209 -0.68 -16.90 -5.50
C LEU B 209 0.10 -15.93 -4.60
N LEU B 210 0.16 -16.24 -3.30
CA LEU B 210 0.88 -15.39 -2.36
C LEU B 210 2.35 -15.47 -2.69
N LYS B 211 2.80 -16.67 -3.03
CA LYS B 211 4.18 -16.91 -3.39
C LYS B 211 4.55 -16.08 -4.63
N GLU B 212 3.60 -15.93 -5.54
CA GLU B 212 3.84 -15.17 -6.77
C GLU B 212 3.62 -13.68 -6.66
N GLY B 213 3.63 -13.15 -5.44
CA GLY B 213 3.47 -11.71 -5.25
C GLY B 213 2.10 -11.15 -4.96
N ALA B 214 1.07 -11.99 -4.88
CA ALA B 214 -0.25 -11.44 -4.58
C ALA B 214 -0.20 -10.87 -3.15
N ASN B 215 -0.68 -9.64 -2.97
CA ASN B 215 -0.66 -9.04 -1.64
C ASN B 215 -1.82 -9.57 -0.80
N GLY B 216 -2.81 -10.12 -1.47
CA GLY B 216 -3.96 -10.66 -0.78
C GLY B 216 -4.75 -11.50 -1.75
N VAL B 217 -5.42 -12.50 -1.22
CA VAL B 217 -6.23 -13.39 -2.05
C VAL B 217 -7.70 -13.30 -1.68
N VAL B 218 -8.52 -12.91 -2.65
CA VAL B 218 -9.95 -12.82 -2.44
C VAL B 218 -10.53 -14.21 -2.64
N VAL B 219 -11.54 -14.55 -1.84
CA VAL B 219 -12.22 -15.83 -1.95
C VAL B 219 -13.71 -15.51 -1.86
N GLY B 220 -14.37 -15.52 -3.01
CA GLY B 220 -15.79 -15.23 -3.05
C GLY B 220 -16.59 -16.44 -3.48
N SER B 221 -16.28 -16.94 -4.68
CA SER B 221 -16.94 -18.08 -5.29
C SER B 221 -17.03 -19.30 -4.40
N ALA B 222 -15.90 -19.70 -3.80
CA ALA B 222 -15.88 -20.86 -2.95
C ALA B 222 -16.83 -20.70 -1.77
N LEU B 223 -16.94 -19.47 -1.26
CA LEU B 223 -17.81 -19.19 -0.13
C LEU B 223 -19.25 -19.08 -0.65
N VAL B 224 -19.45 -18.23 -1.66
CA VAL B 224 -20.76 -18.00 -2.24
C VAL B 224 -21.42 -19.32 -2.66
N LYS B 225 -20.61 -20.26 -3.13
CA LYS B 225 -21.11 -21.56 -3.54
C LYS B 225 -21.77 -22.28 -2.36
N ILE B 226 -21.12 -22.21 -1.20
CA ILE B 226 -21.62 -22.85 0.01
C ILE B 226 -22.95 -22.21 0.43
N ILE B 227 -22.98 -20.88 0.44
CA ILE B 227 -24.18 -20.14 0.81
C ILE B 227 -25.34 -20.54 -0.10
N GLY B 228 -25.01 -20.85 -1.36
CA GLY B 228 -26.07 -21.25 -2.28
C GLY B 228 -26.61 -22.62 -1.92
N GLU B 229 -25.81 -23.39 -1.21
CA GLU B 229 -26.18 -24.74 -0.82
C GLU B 229 -26.77 -24.84 0.59
N LYS B 230 -26.24 -24.08 1.52
CA LYS B 230 -26.72 -24.14 2.89
C LYS B 230 -27.68 -23.01 3.28
N GLY B 231 -27.65 -21.92 2.54
CA GLY B 231 -28.53 -20.81 2.86
C GLY B 231 -28.20 -20.33 4.26
N ARG B 232 -29.23 -19.99 5.03
CA ARG B 232 -29.06 -19.50 6.40
C ARG B 232 -28.15 -20.37 7.25
N GLU B 233 -27.93 -21.62 6.83
CA GLU B 233 -27.09 -22.54 7.59
C GLU B 233 -25.63 -22.62 7.16
N ALA B 234 -25.23 -21.78 6.21
CA ALA B 234 -23.86 -21.81 5.71
C ALA B 234 -22.77 -21.57 6.77
N THR B 235 -22.95 -20.51 7.55
CA THR B 235 -22.01 -20.09 8.60
C THR B 235 -20.83 -20.97 9.03
N GLU B 236 -21.13 -22.15 9.56
CA GLU B 236 -20.09 -23.05 10.04
C GLU B 236 -19.30 -23.70 8.92
N PHE B 237 -19.95 -23.97 7.80
CA PHE B 237 -19.25 -24.57 6.68
C PHE B 237 -18.35 -23.52 6.03
N LEU B 238 -18.78 -22.26 6.12
CA LEU B 238 -18.00 -21.15 5.58
C LEU B 238 -16.69 -21.10 6.34
N LYS B 239 -16.76 -21.19 7.66
CA LYS B 239 -15.57 -21.18 8.49
C LYS B 239 -14.66 -22.35 8.09
N LYS B 240 -15.27 -23.51 7.86
CA LYS B 240 -14.51 -24.69 7.47
C LYS B 240 -13.75 -24.49 6.17
N LYS B 241 -14.39 -23.82 5.21
CA LYS B 241 -13.78 -23.57 3.91
C LYS B 241 -12.62 -22.59 4.01
N VAL B 242 -12.80 -21.54 4.81
CA VAL B 242 -11.74 -20.56 4.98
C VAL B 242 -10.57 -21.20 5.69
N GLU B 243 -10.86 -21.97 6.74
CA GLU B 243 -9.80 -22.64 7.48
C GLU B 243 -9.03 -23.55 6.52
N GLU B 244 -9.76 -24.22 5.63
CA GLU B 244 -9.14 -25.12 4.66
C GLU B 244 -8.18 -24.38 3.74
N LEU B 245 -8.63 -23.22 3.24
CA LEU B 245 -7.82 -22.41 2.35
C LEU B 245 -6.61 -21.82 3.07
N LEU B 246 -6.73 -21.66 4.39
CA LEU B 246 -5.64 -21.12 5.20
C LEU B 246 -4.71 -22.22 5.73
N GLY B 247 -5.07 -23.47 5.50
CA GLY B 247 -4.25 -24.58 5.95
C GLY B 247 -4.26 -24.74 7.46
N ILE B 248 -5.26 -24.17 8.10
CA ILE B 248 -5.38 -24.25 9.55
C ILE B 248 -6.20 -25.47 9.96
#